data_6ZRG
#
_entry.id   6ZRG
#
_cell.length_a   49.563
_cell.length_b   93.674
_cell.length_c   126.381
_cell.angle_alpha   90.000
_cell.angle_beta   90.000
_cell.angle_gamma   90.000
#
_symmetry.space_group_name_H-M   'P 21 21 21'
#
loop_
_entity.id
_entity.type
_entity.pdbx_description
1 polymer Beta-lactamase
2 non-polymer '(4R,5S)-3-{[(3S,5S)-5-({[amino(dihydroxy)methyl]amino}methyl)pyrrolidin-3-yl]sulfanyl}-5-[(1S,2R)-1-carboxy-2-hydroxypropyl]-4-methyl-4,5-dihydro-1H-pyrrole-2-carboxylic acid'
3 non-polymer 1,2-ETHANEDIOL
4 non-polymer 'SULFATE ION'
5 non-polymer 'CHLORIDE ION'
6 water water
#
_entity_poly.entity_id   1
_entity_poly.type   'polypeptide(L)'
_entity_poly.pdbx_seq_one_letter_code
;GSITENTSWNKEFSAEAVNGVFVLCKSSSKSCATNDLARASKEYLPASTF(KCX)IPNAIIGLETGVIKNEHQVFKWDGK
PRAMKQWERDLTLRGAIQVSAVPVFQQIAREVGEVRMQKYLKKFSYGNQNISGGIDKFWLEGQLRISAVNQVEFLESLYL
NKLSASKENQLIVKEALVTEAAPEYLVHSKTGYSTRIEPKIGWWVGWVEKETEVYFFAFNMDIDNESKLPLRKSIPTKIM
ESEGIIGG
;
_entity_poly.pdbx_strand_id   A,B
#
# COMPACT_ATOMS: atom_id res chain seq x y z
N GLY A 1 20.61 18.86 8.29
CA GLY A 1 19.66 18.66 9.43
C GLY A 1 20.37 18.55 10.77
N SER A 2 19.56 18.37 11.83
CA SER A 2 19.88 18.41 13.24
C SER A 2 19.36 17.16 13.96
N ILE A 3 20.20 16.58 14.81
CA ILE A 3 19.89 15.30 15.45
C ILE A 3 20.09 15.45 16.95
N THR A 4 19.10 15.04 17.75
CA THR A 4 19.12 15.33 19.18
C THR A 4 19.01 14.02 19.94
N GLU A 5 19.86 13.83 20.96
CA GLU A 5 19.91 12.58 21.70
C GLU A 5 18.79 12.57 22.75
N ASN A 6 18.10 11.43 22.82
CA ASN A 6 17.13 11.11 23.86
C ASN A 6 17.71 9.97 24.69
N THR A 7 18.30 10.37 25.82
CA THR A 7 19.05 9.48 26.69
C THR A 7 18.15 8.38 27.27
N SER A 8 16.89 8.73 27.54
CA SER A 8 15.90 7.79 28.06
C SER A 8 15.69 6.61 27.11
N TRP A 9 16.07 6.75 25.82
CA TRP A 9 15.91 5.62 24.92
C TRP A 9 16.90 4.49 25.20
N ASN A 10 18.03 4.78 25.83
CA ASN A 10 19.07 3.75 25.96
C ASN A 10 18.63 2.56 26.81
N LYS A 11 17.72 2.80 27.77
CA LYS A 11 17.29 1.78 28.71
C LYS A 11 16.78 0.59 27.91
N GLU A 12 16.27 0.88 26.72
CA GLU A 12 15.64 -0.11 25.88
C GLU A 12 16.70 -1.07 25.32
N PHE A 13 17.92 -0.54 25.09
CA PHE A 13 19.01 -1.30 24.50
C PHE A 13 19.80 -2.02 25.60
N SER A 14 20.09 -1.30 26.70
CA SER A 14 20.87 -1.91 27.76
C SER A 14 20.10 -3.05 28.43
N ALA A 15 18.78 -2.90 28.54
CA ALA A 15 17.97 -3.96 29.12
C ALA A 15 18.11 -5.28 28.37
N GLU A 16 18.46 -5.25 27.07
CA GLU A 16 18.56 -6.49 26.32
C GLU A 16 20.01 -6.77 25.98
N ALA A 17 20.92 -5.89 26.42
CA ALA A 17 22.35 -5.99 26.17
C ALA A 17 22.61 -5.89 24.66
N VAL A 18 22.04 -4.85 24.02
CA VAL A 18 22.11 -4.58 22.58
C VAL A 18 23.02 -3.39 22.35
N ASN A 19 23.91 -3.50 21.35
CA ASN A 19 24.53 -2.31 20.78
C ASN A 19 23.77 -1.98 19.49
N GLY A 20 23.15 -0.79 19.43
CA GLY A 20 22.29 -0.43 18.31
C GLY A 20 21.96 1.07 18.33
N VAL A 21 21.23 1.51 17.30
CA VAL A 21 20.78 2.87 17.23
C VAL A 21 19.38 2.92 16.61
N PHE A 22 18.58 3.87 17.08
CA PHE A 22 17.27 4.16 16.50
C PHE A 22 17.26 5.64 16.14
N VAL A 23 16.87 5.96 14.91
CA VAL A 23 16.64 7.33 14.54
C VAL A 23 15.17 7.50 14.19
N LEU A 24 14.53 8.56 14.69
CA LEU A 24 13.11 8.78 14.45
CA LEU A 24 13.11 8.78 14.47
C LEU A 24 12.91 10.26 14.18
N CYS A 25 12.19 10.60 13.07
CA CYS A 25 11.96 11.98 12.66
C CYS A 25 10.47 12.24 12.44
N LYS A 26 9.90 13.25 13.15
CA LYS A 26 8.49 13.61 12.92
C LYS A 26 8.42 14.69 11.84
N SER A 27 7.55 14.47 10.83
N SER A 27 7.55 14.47 10.84
CA SER A 27 7.16 15.39 9.76
CA SER A 27 7.17 15.45 9.83
C SER A 27 8.23 15.48 8.67
C SER A 27 8.21 15.52 8.71
N SER A 28 9.50 15.60 9.10
CA SER A 28 10.59 15.75 8.15
C SER A 28 11.88 15.37 8.84
N SER A 29 12.93 15.15 8.04
CA SER A 29 14.28 14.90 8.58
C SER A 29 15.01 16.18 9.00
N LYS A 30 14.32 17.32 8.99
CA LYS A 30 14.95 18.56 9.44
C LYS A 30 15.49 18.32 10.84
N SER A 31 14.72 17.59 11.65
CA SER A 31 15.03 17.37 13.05
C SER A 31 14.66 15.95 13.49
N CYS A 32 15.68 15.19 13.88
CA CYS A 32 15.53 13.79 14.26
C CYS A 32 15.97 13.56 15.69
N ALA A 33 15.44 12.51 16.29
CA ALA A 33 15.81 12.12 17.63
C ALA A 33 16.55 10.78 17.55
N THR A 34 17.47 10.50 18.48
CA THR A 34 18.21 9.22 18.51
C THR A 34 18.66 8.86 19.93
N ASN A 35 19.01 7.60 20.15
CA ASN A 35 19.62 7.20 21.42
C ASN A 35 21.13 7.44 21.42
N ASP A 36 21.75 7.64 20.23
N ASP A 36 21.76 7.59 20.23
CA ASP A 36 23.21 7.67 20.13
CA ASP A 36 23.21 7.69 20.15
C ASP A 36 23.65 8.50 18.93
C ASP A 36 23.64 8.52 18.94
N LEU A 37 24.10 9.75 19.17
CA LEU A 37 24.54 10.63 18.11
C LEU A 37 25.57 9.94 17.20
N ALA A 38 26.63 9.35 17.79
CA ALA A 38 27.70 8.79 16.99
C ALA A 38 27.16 7.70 16.06
N ARG A 39 26.45 6.75 16.65
CA ARG A 39 26.12 5.56 15.87
C ARG A 39 25.06 5.91 14.81
N ALA A 40 24.30 6.98 15.04
CA ALA A 40 23.24 7.36 14.10
C ALA A 40 23.82 7.63 12.71
N SER A 41 25.03 8.20 12.65
CA SER A 41 25.73 8.47 11.38
C SER A 41 26.76 7.41 10.96
N LYS A 42 26.90 6.32 11.72
CA LYS A 42 27.84 5.27 11.33
CA LYS A 42 27.84 5.27 11.33
C LYS A 42 27.25 4.46 10.18
N GLU A 43 28.10 4.07 9.21
CA GLU A 43 27.60 3.43 7.99
C GLU A 43 27.87 1.92 8.00
N TYR A 44 26.86 1.14 7.58
CA TYR A 44 26.93 -0.30 7.57
C TYR A 44 26.46 -0.83 6.23
N LEU A 45 26.80 -2.08 5.89
CA LEU A 45 26.18 -2.66 4.70
C LEU A 45 24.65 -2.58 4.79
N PRO A 46 23.95 -2.23 3.69
CA PRO A 46 22.49 -2.20 3.69
C PRO A 46 21.81 -3.56 3.68
N ALA A 47 22.51 -4.62 3.18
CA ALA A 47 21.91 -5.93 2.95
C ALA A 47 20.52 -5.78 2.29
N SER A 48 19.49 -6.47 2.78
CA SER A 48 18.21 -6.54 2.07
CA SER A 48 18.26 -6.50 2.00
C SER A 48 17.50 -5.17 2.03
N THR A 49 17.92 -4.20 2.84
CA THR A 49 17.24 -2.90 2.74
C THR A 49 17.59 -2.27 1.39
N PHE A 50 18.64 -2.76 0.76
CA PHE A 50 18.96 -2.21 -0.56
C PHE A 50 17.88 -2.60 -1.60
N ILE A 52 15.08 -1.66 -1.69
CA ILE A 52 14.24 -0.48 -1.95
C ILE A 52 14.82 0.32 -3.12
N PRO A 53 16.06 0.88 -3.05
CA PRO A 53 16.62 1.57 -4.22
C PRO A 53 16.73 0.68 -5.45
N ASN A 54 17.10 -0.60 -5.26
CA ASN A 54 17.28 -1.52 -6.38
C ASN A 54 15.97 -1.64 -7.16
N ALA A 55 14.84 -1.72 -6.45
CA ALA A 55 13.55 -1.85 -7.15
C ALA A 55 13.26 -0.57 -7.96
N ILE A 56 13.52 0.58 -7.34
CA ILE A 56 13.25 1.86 -8.00
C ILE A 56 14.08 1.96 -9.28
N ILE A 57 15.37 1.60 -9.18
CA ILE A 57 16.28 1.68 -10.32
C ILE A 57 15.87 0.67 -11.39
N GLY A 58 15.51 -0.55 -10.97
CA GLY A 58 14.97 -1.55 -11.90
C GLY A 58 13.79 -1.03 -12.73
N LEU A 59 12.87 -0.29 -12.09
CA LEU A 59 11.73 0.29 -12.81
C LEU A 59 12.20 1.45 -13.70
N GLU A 60 13.07 2.29 -13.15
CA GLU A 60 13.48 3.50 -13.84
C GLU A 60 14.27 3.15 -15.12
N THR A 61 15.01 2.05 -15.12
CA THR A 61 15.81 1.68 -16.29
C THR A 61 15.03 0.80 -17.27
N GLY A 62 13.76 0.48 -16.93
CA GLY A 62 12.90 -0.41 -17.69
C GLY A 62 13.31 -1.90 -17.59
N VAL A 63 14.25 -2.27 -16.68
CA VAL A 63 14.59 -3.69 -16.46
C VAL A 63 13.39 -4.43 -15.84
N ILE A 64 12.70 -3.75 -14.92
CA ILE A 64 11.38 -4.15 -14.45
C ILE A 64 10.37 -3.39 -15.32
N LYS A 65 9.51 -4.11 -16.04
CA LYS A 65 8.73 -3.48 -17.11
C LYS A 65 7.67 -2.52 -16.55
N ASN A 66 6.95 -2.94 -15.49
CA ASN A 66 5.99 -2.04 -14.89
C ASN A 66 5.54 -2.66 -13.59
N GLU A 67 4.50 -2.09 -12.96
CA GLU A 67 4.03 -2.62 -11.67
C GLU A 67 3.58 -4.08 -11.70
N HIS A 68 3.26 -4.63 -12.87
CA HIS A 68 2.65 -5.95 -12.90
C HIS A 68 3.69 -6.99 -13.30
N GLN A 69 4.96 -6.58 -13.26
CA GLN A 69 6.05 -7.50 -13.66
C GLN A 69 5.95 -8.82 -12.89
N VAL A 70 6.12 -9.96 -13.61
CA VAL A 70 6.26 -11.25 -12.93
C VAL A 70 7.69 -11.75 -13.15
N PHE A 71 8.39 -12.03 -12.06
CA PHE A 71 9.73 -12.61 -12.13
C PHE A 71 9.56 -14.14 -12.20
N LYS A 72 9.76 -14.69 -13.41
CA LYS A 72 9.41 -16.07 -13.67
C LYS A 72 10.54 -16.97 -13.18
N TRP A 73 10.19 -18.08 -12.53
CA TRP A 73 11.19 -19.06 -12.15
C TRP A 73 11.40 -20.05 -13.29
N ASP A 74 12.65 -20.20 -13.73
CA ASP A 74 12.99 -21.12 -14.82
C ASP A 74 13.00 -22.60 -14.40
N GLY A 75 12.70 -22.89 -13.12
CA GLY A 75 12.62 -24.28 -12.66
C GLY A 75 13.94 -24.91 -12.19
N LYS A 76 15.06 -24.21 -12.34
CA LYS A 76 16.37 -24.67 -11.90
C LYS A 76 16.49 -24.44 -10.39
N PRO A 77 17.28 -25.23 -9.64
CA PRO A 77 17.26 -25.16 -8.18
C PRO A 77 17.64 -23.77 -7.67
N ARG A 78 16.87 -23.26 -6.70
CA ARG A 78 17.29 -22.07 -5.94
C ARG A 78 17.57 -22.45 -4.48
N ALA A 79 18.23 -21.56 -3.74
CA ALA A 79 18.74 -21.97 -2.45
C ALA A 79 17.61 -22.20 -1.47
N MET A 80 16.48 -21.50 -1.62
CA MET A 80 15.38 -21.65 -0.65
CA MET A 80 15.38 -21.63 -0.66
C MET A 80 14.12 -22.08 -1.40
N LYS A 81 13.32 -22.95 -0.78
CA LYS A 81 12.11 -23.44 -1.43
C LYS A 81 11.13 -22.27 -1.65
N GLN A 82 11.16 -21.29 -0.76
CA GLN A 82 10.23 -20.14 -0.91
C GLN A 82 10.56 -19.33 -2.17
N TRP A 83 11.75 -19.54 -2.73
CA TRP A 83 12.11 -18.80 -3.93
C TRP A 83 11.79 -19.52 -5.22
N GLU A 84 11.32 -20.80 -5.11
CA GLU A 84 11.15 -21.67 -6.25
C GLU A 84 9.73 -21.53 -6.80
N ARG A 85 9.46 -20.35 -7.37
CA ARG A 85 8.13 -19.99 -7.84
C ARG A 85 8.21 -18.62 -8.51
N ASP A 86 7.26 -18.35 -9.42
CA ASP A 86 7.06 -17.04 -10.02
C ASP A 86 6.74 -16.05 -8.89
N LEU A 87 7.29 -14.83 -8.98
CA LEU A 87 7.08 -13.86 -7.89
C LEU A 87 6.69 -12.50 -8.49
N THR A 88 5.85 -11.72 -7.79
CA THR A 88 5.68 -10.30 -8.07
C THR A 88 6.81 -9.51 -7.38
N LEU A 89 6.83 -8.18 -7.60
CA LEU A 89 7.79 -7.34 -6.90
C LEU A 89 7.55 -7.46 -5.40
N ARG A 90 6.31 -7.31 -4.94
CA ARG A 90 6.07 -7.40 -3.51
C ARG A 90 6.40 -8.80 -2.98
N GLY A 91 6.04 -9.84 -3.76
CA GLY A 91 6.33 -11.20 -3.37
C GLY A 91 7.85 -11.41 -3.19
N ALA A 92 8.65 -10.89 -4.12
CA ALA A 92 10.10 -11.06 -4.05
C ALA A 92 10.65 -10.35 -2.80
N ILE A 93 10.04 -9.22 -2.44
CA ILE A 93 10.45 -8.49 -1.24
C ILE A 93 10.07 -9.33 -0.01
N GLN A 94 8.85 -9.83 0.02
CA GLN A 94 8.33 -10.58 1.22
C GLN A 94 9.12 -11.87 1.50
N VAL A 95 9.56 -12.57 0.47
CA VAL A 95 10.30 -13.81 0.67
C VAL A 95 11.82 -13.61 0.67
N SER A 96 12.26 -12.35 0.54
CA SER A 96 13.67 -11.93 0.47
C SER A 96 14.40 -12.66 -0.66
N ALA A 97 13.83 -12.65 -1.87
CA ALA A 97 14.37 -13.37 -3.02
C ALA A 97 15.58 -12.66 -3.61
N VAL A 98 16.72 -12.78 -2.92
CA VAL A 98 17.98 -12.19 -3.36
CA VAL A 98 17.94 -12.13 -3.36
C VAL A 98 18.26 -12.42 -4.84
N PRO A 99 18.11 -13.67 -5.36
CA PRO A 99 18.49 -13.91 -6.76
C PRO A 99 17.70 -13.10 -7.77
N VAL A 100 16.44 -12.80 -7.46
CA VAL A 100 15.66 -11.93 -8.34
C VAL A 100 16.30 -10.52 -8.41
N PHE A 101 16.64 -9.98 -7.23
CA PHE A 101 17.30 -8.68 -7.16
C PHE A 101 18.70 -8.68 -7.76
N GLN A 102 19.39 -9.83 -7.71
CA GLN A 102 20.70 -9.92 -8.35
C GLN A 102 20.55 -9.80 -9.86
N GLN A 103 19.53 -10.44 -10.43
CA GLN A 103 19.39 -10.42 -11.87
C GLN A 103 18.98 -9.01 -12.30
N ILE A 104 18.12 -8.36 -11.49
CA ILE A 104 17.84 -6.95 -11.69
C ILE A 104 19.12 -6.12 -11.72
N ALA A 105 20.02 -6.29 -10.73
CA ALA A 105 21.22 -5.47 -10.69
C ALA A 105 22.10 -5.71 -11.92
N ARG A 106 22.22 -7.00 -12.33
CA ARG A 106 23.10 -7.33 -13.48
C ARG A 106 22.60 -6.62 -14.75
N GLU A 107 21.28 -6.61 -14.90
CA GLU A 107 20.65 -6.03 -16.07
C GLU A 107 20.75 -4.51 -16.04
N VAL A 108 20.63 -3.91 -14.86
CA VAL A 108 20.84 -2.48 -14.69
C VAL A 108 22.26 -2.12 -15.11
N GLY A 109 23.21 -2.89 -14.60
CA GLY A 109 24.65 -2.75 -14.90
C GLY A 109 25.30 -1.69 -14.00
N GLU A 110 26.63 -1.73 -13.92
CA GLU A 110 27.39 -0.88 -13.01
CA GLU A 110 27.40 -0.88 -13.02
C GLU A 110 27.25 0.61 -13.34
N VAL A 111 27.27 0.99 -14.64
CA VAL A 111 27.25 2.41 -14.99
C VAL A 111 25.95 3.07 -14.50
N ARG A 112 24.80 2.48 -14.86
CA ARG A 112 23.51 3.04 -14.46
C ARG A 112 23.34 2.97 -12.93
N MET A 113 23.75 1.84 -12.34
CA MET A 113 23.61 1.64 -10.88
C MET A 113 24.37 2.75 -10.17
N GLN A 114 25.59 3.05 -10.65
CA GLN A 114 26.41 4.03 -9.92
C GLN A 114 25.70 5.40 -10.00
N LYS A 115 25.13 5.72 -11.18
CA LYS A 115 24.52 7.03 -11.41
C LYS A 115 23.32 7.23 -10.47
N TYR A 116 22.44 6.24 -10.36
CA TYR A 116 21.24 6.46 -9.54
C TYR A 116 21.58 6.55 -8.04
N LEU A 117 22.54 5.76 -7.57
CA LEU A 117 22.90 5.83 -6.16
C LEU A 117 23.48 7.22 -5.82
N LYS A 118 24.19 7.83 -6.80
CA LYS A 118 24.70 9.17 -6.55
C LYS A 118 23.56 10.20 -6.61
N LYS A 119 22.62 10.03 -7.54
CA LYS A 119 21.48 10.96 -7.57
C LYS A 119 20.68 10.82 -6.30
N PHE A 120 20.61 9.60 -5.77
CA PHE A 120 19.82 9.33 -4.57
C PHE A 120 20.56 9.69 -3.28
N SER A 121 21.83 10.11 -3.38
CA SER A 121 22.68 10.34 -2.21
C SER A 121 22.67 9.12 -1.28
N TYR A 122 22.91 7.93 -1.87
CA TYR A 122 22.62 6.69 -1.15
C TYR A 122 23.91 6.18 -0.49
N GLY A 123 24.05 6.50 0.80
CA GLY A 123 25.18 6.03 1.60
C GLY A 123 26.51 6.52 1.05
N ASN A 124 27.56 5.68 1.09
CA ASN A 124 28.85 6.14 0.59
C ASN A 124 28.92 6.03 -0.94
N GLN A 125 27.86 5.54 -1.58
CA GLN A 125 27.73 5.53 -3.05
C GLN A 125 28.76 4.64 -3.73
N ASN A 126 29.37 3.73 -2.98
CA ASN A 126 30.44 2.91 -3.52
C ASN A 126 29.88 1.55 -3.91
N ILE A 127 29.85 1.23 -5.22
CA ILE A 127 29.30 -0.04 -5.68
C ILE A 127 30.38 -1.07 -6.04
N SER A 128 31.61 -0.83 -5.54
CA SER A 128 32.71 -1.78 -5.74
CA SER A 128 32.72 -1.76 -5.70
C SER A 128 32.38 -3.12 -5.08
N GLY A 129 32.84 -4.18 -5.74
CA GLY A 129 32.77 -5.47 -5.09
C GLY A 129 31.98 -6.51 -5.90
N GLY A 130 31.57 -6.12 -7.12
CA GLY A 130 30.82 -7.02 -8.00
C GLY A 130 29.36 -6.62 -8.09
N ILE A 131 28.84 -6.54 -9.32
CA ILE A 131 27.51 -5.93 -9.55
C ILE A 131 26.39 -6.68 -8.81
N ASP A 132 26.57 -7.98 -8.58
CA ASP A 132 25.52 -8.76 -7.95
C ASP A 132 25.65 -8.89 -6.43
N LYS A 133 26.66 -8.27 -5.83
CA LYS A 133 26.87 -8.54 -4.40
C LYS A 133 27.39 -7.31 -3.64
N PHE A 134 27.48 -6.12 -4.27
CA PHE A 134 28.12 -4.98 -3.59
C PHE A 134 27.37 -4.58 -2.30
N TRP A 135 26.05 -4.82 -2.24
CA TRP A 135 25.23 -4.40 -1.10
C TRP A 135 25.20 -5.49 -0.02
N LEU A 136 25.82 -6.67 -0.33
CA LEU A 136 25.78 -7.84 0.55
C LEU A 136 27.15 -8.05 1.18
N GLU A 137 28.22 -7.79 0.40
CA GLU A 137 29.55 -8.06 0.92
C GLU A 137 30.61 -7.17 0.27
N GLY A 138 30.19 -6.15 -0.48
CA GLY A 138 31.11 -5.22 -1.14
C GLY A 138 31.36 -4.01 -0.24
N GLN A 139 31.59 -2.84 -0.85
CA GLN A 139 32.07 -1.66 -0.13
CA GLN A 139 32.07 -1.62 -0.21
C GLN A 139 30.93 -0.66 0.14
N LEU A 140 29.70 -0.98 -0.28
CA LEU A 140 28.63 0.02 -0.02
C LEU A 140 28.32 0.08 1.47
N ARG A 141 28.03 1.28 1.99
CA ARG A 141 27.70 1.43 3.40
C ARG A 141 26.70 2.59 3.55
N ILE A 142 25.78 2.50 4.51
CA ILE A 142 24.84 3.62 4.67
C ILE A 142 24.49 3.70 6.16
N SER A 143 24.14 4.91 6.63
CA SER A 143 23.81 5.09 8.03
C SER A 143 22.31 5.15 8.25
N ALA A 144 21.89 5.07 9.53
CA ALA A 144 20.50 5.19 9.86
C ALA A 144 19.98 6.58 9.50
N VAL A 145 20.76 7.63 9.74
CA VAL A 145 20.38 8.97 9.35
C VAL A 145 20.12 9.06 7.82
N ASN A 146 21.03 8.50 7.04
CA ASN A 146 20.91 8.52 5.55
C ASN A 146 19.67 7.70 5.13
N GLN A 147 19.38 6.58 5.79
CA GLN A 147 18.19 5.81 5.43
C GLN A 147 16.95 6.69 5.65
N VAL A 148 16.84 7.39 6.78
CA VAL A 148 15.63 8.23 6.92
C VAL A 148 15.54 9.34 5.87
N GLU A 149 16.67 9.94 5.52
CA GLU A 149 16.68 10.98 4.48
C GLU A 149 16.18 10.41 3.13
N PHE A 150 16.68 9.19 2.82
CA PHE A 150 16.32 8.54 1.58
C PHE A 150 14.83 8.18 1.54
N LEU A 151 14.33 7.59 2.66
CA LEU A 151 12.93 7.21 2.74
C LEU A 151 12.00 8.42 2.72
N GLU A 152 12.47 9.52 3.32
CA GLU A 152 11.69 10.75 3.24
C GLU A 152 11.57 11.24 1.81
N SER A 153 12.68 11.16 1.05
CA SER A 153 12.57 11.58 -0.34
C SER A 153 11.60 10.68 -1.10
N LEU A 154 11.65 9.37 -0.86
CA LEU A 154 10.72 8.44 -1.50
C LEU A 154 9.26 8.79 -1.14
N TYR A 155 8.98 9.02 0.16
CA TYR A 155 7.64 9.41 0.63
C TYR A 155 7.11 10.63 -0.14
N LEU A 156 7.99 11.63 -0.35
CA LEU A 156 7.64 12.90 -1.00
C LEU A 156 7.64 12.87 -2.53
N ASN A 157 8.01 11.73 -3.14
CA ASN A 157 8.21 11.59 -4.58
C ASN A 157 9.33 12.50 -5.07
N LYS A 158 10.32 12.70 -4.20
CA LYS A 158 11.41 13.61 -4.51
C LYS A 158 12.67 12.91 -5.02
N LEU A 159 12.70 11.58 -5.13
CA LEU A 159 13.90 10.98 -5.72
C LEU A 159 13.98 11.30 -7.21
N SER A 160 15.17 11.04 -7.79
CA SER A 160 15.39 11.28 -9.22
C SER A 160 14.89 10.10 -10.04
N ALA A 161 13.56 9.90 -10.00
CA ALA A 161 12.86 8.85 -10.71
C ALA A 161 11.43 9.32 -10.94
N SER A 162 10.72 8.63 -11.81
CA SER A 162 9.34 9.07 -12.03
C SER A 162 8.53 8.93 -10.74
N LYS A 163 7.52 9.80 -10.60
CA LYS A 163 6.58 9.60 -9.50
C LYS A 163 5.89 8.22 -9.59
N GLU A 164 5.52 7.81 -10.81
CA GLU A 164 4.88 6.50 -11.01
CA GLU A 164 4.89 6.51 -11.00
C GLU A 164 5.75 5.40 -10.38
N ASN A 165 7.04 5.41 -10.69
CA ASN A 165 7.92 4.34 -10.18
C ASN A 165 8.06 4.36 -8.65
N GLN A 166 8.06 5.58 -8.07
CA GLN A 166 8.17 5.72 -6.61
C GLN A 166 6.91 5.19 -5.94
N LEU A 167 5.73 5.53 -6.50
CA LEU A 167 4.46 4.99 -5.99
C LEU A 167 4.42 3.46 -6.04
N ILE A 168 4.94 2.87 -7.13
CA ILE A 168 4.91 1.42 -7.32
C ILE A 168 5.72 0.76 -6.20
N VAL A 169 6.90 1.30 -5.92
CA VAL A 169 7.75 0.69 -4.89
C VAL A 169 7.10 0.90 -3.51
N LYS A 170 6.51 2.07 -3.30
CA LYS A 170 5.88 2.35 -2.02
C LYS A 170 4.78 1.32 -1.75
N GLU A 171 3.94 1.03 -2.75
CA GLU A 171 2.89 0.07 -2.48
C GLU A 171 3.46 -1.31 -2.10
N ALA A 172 4.59 -1.69 -2.69
CA ALA A 172 5.16 -2.99 -2.40
C ALA A 172 5.79 -3.06 -1.01
N LEU A 173 5.98 -1.90 -0.34
CA LEU A 173 6.58 -1.82 1.00
C LEU A 173 5.53 -1.71 2.10
N VAL A 174 4.23 -1.73 1.80
CA VAL A 174 3.23 -1.63 2.87
C VAL A 174 3.30 -2.92 3.68
N THR A 175 3.37 -2.79 5.01
CA THR A 175 3.44 -3.92 5.90
C THR A 175 2.30 -3.90 6.92
N GLU A 176 1.65 -2.75 7.15
CA GLU A 176 0.48 -2.71 8.03
C GLU A 176 -0.47 -1.59 7.59
N ALA A 177 -1.80 -1.89 7.55
CA ALA A 177 -2.76 -0.88 7.13
C ALA A 177 -3.95 -0.88 8.09
N ALA A 178 -4.42 0.32 8.39
CA ALA A 178 -5.64 0.47 9.16
C ALA A 178 -6.21 1.80 8.68
N PRO A 179 -7.47 2.17 8.97
CA PRO A 179 -8.02 3.39 8.36
C PRO A 179 -7.20 4.68 8.49
N GLU A 180 -6.60 4.91 9.68
CA GLU A 180 -5.76 6.10 9.85
C GLU A 180 -4.36 5.73 10.35
N TYR A 181 -3.85 4.58 9.92
CA TYR A 181 -2.53 4.17 10.36
C TYR A 181 -1.95 3.31 9.25
N LEU A 182 -0.78 3.67 8.70
CA LEU A 182 -0.26 2.88 7.59
C LEU A 182 1.25 2.82 7.77
N VAL A 183 1.83 1.61 7.70
CA VAL A 183 3.26 1.42 7.91
C VAL A 183 3.88 0.92 6.61
N HIS A 184 5.00 1.52 6.20
CA HIS A 184 5.85 1.00 5.13
C HIS A 184 7.16 0.64 5.79
N SER A 185 7.70 -0.58 5.56
CA SER A 185 8.91 -0.92 6.28
C SER A 185 9.67 -2.02 5.55
N LYS A 186 10.89 -2.26 6.00
CA LYS A 186 11.74 -3.27 5.39
C LYS A 186 12.82 -3.68 6.39
N THR A 187 13.02 -5.01 6.54
CA THR A 187 14.08 -5.55 7.38
C THR A 187 15.34 -5.78 6.54
N GLY A 188 16.47 -5.92 7.24
CA GLY A 188 17.66 -6.46 6.63
C GLY A 188 18.50 -7.19 7.68
N TYR A 189 19.36 -8.08 7.19
CA TYR A 189 20.28 -8.82 8.06
C TYR A 189 21.55 -9.04 7.26
N SER A 190 22.61 -8.34 7.67
CA SER A 190 23.91 -8.42 7.00
C SER A 190 24.76 -9.40 7.79
N THR A 191 25.12 -10.54 7.17
CA THR A 191 25.80 -11.64 7.86
C THR A 191 27.21 -11.88 7.30
N ARG A 192 27.60 -11.19 6.20
CA ARG A 192 28.82 -11.62 5.50
C ARG A 192 30.09 -10.86 5.92
N ILE A 193 29.94 -9.75 6.67
CA ILE A 193 31.05 -8.97 7.18
C ILE A 193 30.75 -8.71 8.65
N GLU A 194 31.75 -8.87 9.52
CA GLU A 194 31.55 -8.77 10.97
C GLU A 194 31.75 -7.32 11.41
N PRO A 195 31.01 -6.81 12.43
CA PRO A 195 29.92 -7.56 13.09
C PRO A 195 28.68 -7.62 12.21
N LYS A 196 27.86 -8.64 12.44
CA LYS A 196 26.60 -8.81 11.74
C LYS A 196 25.66 -7.68 12.17
N ILE A 197 24.82 -7.22 11.24
CA ILE A 197 24.01 -6.03 11.46
C ILE A 197 22.58 -6.39 11.11
N GLY A 198 21.65 -6.07 12.02
CA GLY A 198 20.22 -6.21 11.77
C GLY A 198 19.62 -4.82 11.56
N TRP A 199 18.72 -4.67 10.55
CA TRP A 199 18.10 -3.39 10.21
C TRP A 199 16.57 -3.49 10.28
N TRP A 200 15.92 -2.37 10.58
CA TRP A 200 14.51 -2.22 10.24
C TRP A 200 14.30 -0.75 9.94
N VAL A 201 13.87 -0.43 8.71
CA VAL A 201 13.75 0.96 8.30
C VAL A 201 12.33 1.19 7.74
N GLY A 202 11.80 2.43 7.81
CA GLY A 202 10.50 2.61 7.20
C GLY A 202 9.88 3.98 7.53
N TRP A 203 8.56 4.09 7.35
CA TRP A 203 7.86 5.27 7.86
C TRP A 203 6.45 4.87 8.28
N VAL A 204 5.87 5.69 9.16
CA VAL A 204 4.52 5.39 9.65
C VAL A 204 3.69 6.65 9.44
N GLU A 205 2.50 6.50 8.84
CA GLU A 205 1.52 7.56 8.78
C GLU A 205 0.46 7.28 9.85
N LYS A 206 0.19 8.29 10.69
CA LYS A 206 -0.81 8.17 11.75
C LYS A 206 -1.61 9.46 11.75
N GLU A 207 -2.91 9.34 11.41
CA GLU A 207 -3.75 10.50 11.17
C GLU A 207 -3.04 11.37 10.13
N THR A 208 -2.80 12.66 10.41
CA THR A 208 -2.17 13.52 9.41
C THR A 208 -0.67 13.76 9.70
N GLU A 209 -0.08 12.93 10.55
CA GLU A 209 1.35 13.06 10.82
CA GLU A 209 1.34 13.02 10.88
C GLU A 209 2.09 11.90 10.15
N VAL A 210 3.40 12.09 9.91
CA VAL A 210 4.27 11.02 9.40
C VAL A 210 5.58 11.00 10.19
N TYR A 211 6.13 9.80 10.38
CA TYR A 211 7.33 9.63 11.19
C TYR A 211 8.25 8.71 10.39
N PHE A 212 9.49 9.14 10.16
CA PHE A 212 10.40 8.29 9.40
C PHE A 212 11.34 7.63 10.41
N PHE A 213 11.75 6.36 10.14
CA PHE A 213 12.52 5.69 11.17
C PHE A 213 13.59 4.79 10.53
N ALA A 214 14.68 4.59 11.29
CA ALA A 214 15.66 3.57 10.90
C ALA A 214 16.33 3.03 12.15
N PHE A 215 16.47 1.69 12.21
CA PHE A 215 17.06 1.04 13.36
C PHE A 215 18.16 0.11 12.86
N ASN A 216 19.31 0.06 13.57
CA ASN A 216 20.23 -1.04 13.30
C ASN A 216 20.80 -1.54 14.64
N MET A 217 21.30 -2.78 14.67
CA MET A 217 21.93 -3.30 15.89
C MET A 217 22.95 -4.35 15.49
N ASP A 218 23.97 -4.54 16.35
CA ASP A 218 24.82 -5.72 16.23
C ASP A 218 24.03 -6.98 16.56
N ILE A 219 24.17 -8.01 15.71
CA ILE A 219 23.42 -9.24 15.87
C ILE A 219 24.42 -10.35 16.21
N ASP A 220 24.30 -10.89 17.43
CA ASP A 220 25.16 -11.94 17.99
C ASP A 220 24.81 -13.29 17.38
N ASN A 221 23.51 -13.61 17.40
CA ASN A 221 22.99 -14.84 16.82
C ASN A 221 21.57 -14.57 16.32
N GLU A 222 21.05 -15.53 15.55
CA GLU A 222 19.74 -15.40 14.91
C GLU A 222 18.64 -15.17 15.95
N SER A 223 18.86 -15.61 17.20
CA SER A 223 17.82 -15.52 18.22
C SER A 223 17.56 -14.06 18.59
N LYS A 224 18.51 -13.17 18.27
CA LYS A 224 18.36 -11.77 18.65
C LYS A 224 17.60 -10.98 17.58
N LEU A 225 17.33 -11.59 16.41
CA LEU A 225 16.77 -10.92 15.25
C LEU A 225 15.43 -10.22 15.55
N PRO A 226 14.48 -10.79 16.33
CA PRO A 226 13.25 -10.03 16.64
C PRO A 226 13.38 -8.64 17.27
N LEU A 227 14.53 -8.35 17.90
CA LEU A 227 14.74 -7.07 18.56
C LEU A 227 14.80 -5.94 17.52
N ARG A 228 15.15 -6.32 16.27
CA ARG A 228 15.14 -5.38 15.17
C ARG A 228 13.81 -4.64 15.06
N LYS A 229 12.70 -5.35 15.34
CA LYS A 229 11.37 -4.76 15.29
C LYS A 229 10.86 -4.37 16.68
N SER A 230 11.17 -5.16 17.70
CA SER A 230 10.52 -4.94 19.00
C SER A 230 11.08 -3.72 19.73
N ILE A 231 12.38 -3.42 19.60
CA ILE A 231 12.93 -2.26 20.29
C ILE A 231 12.40 -0.98 19.66
N PRO A 232 12.52 -0.79 18.32
CA PRO A 232 11.97 0.40 17.67
C PRO A 232 10.46 0.53 17.88
N THR A 233 9.73 -0.59 17.89
CA THR A 233 8.29 -0.50 18.11
C THR A 233 8.00 0.04 19.53
N LYS A 234 8.75 -0.44 20.52
CA LYS A 234 8.52 0.04 21.89
C LYS A 234 8.80 1.54 21.98
N ILE A 235 9.87 2.01 21.33
CA ILE A 235 10.18 3.43 21.39
C ILE A 235 9.11 4.24 20.66
N MET A 236 8.67 3.71 19.50
CA MET A 236 7.66 4.45 18.76
C MET A 236 6.36 4.51 19.59
N GLU A 237 6.04 3.42 20.29
CA GLU A 237 4.83 3.44 21.12
C GLU A 237 4.97 4.48 22.25
N SER A 238 6.20 4.72 22.70
CA SER A 238 6.45 5.68 23.78
C SER A 238 6.18 7.10 23.31
N GLU A 239 6.22 7.31 21.98
CA GLU A 239 5.90 8.59 21.37
C GLU A 239 4.43 8.62 20.95
N GLY A 240 3.66 7.58 21.33
CA GLY A 240 2.24 7.53 20.96
C GLY A 240 1.99 7.08 19.53
N ILE A 241 3.02 6.56 18.86
CA ILE A 241 2.80 6.02 17.53
C ILE A 241 2.45 4.55 17.70
N ILE A 242 1.15 4.22 17.79
CA ILE A 242 0.70 2.87 18.10
C ILE A 242 -0.27 2.36 17.02
N GLY B 1 -14.19 -11.93 -20.88
CA GLY B 1 -14.06 -13.02 -19.85
C GLY B 1 -15.35 -13.81 -19.73
N SER B 2 -15.51 -14.55 -18.64
CA SER B 2 -16.68 -15.40 -18.48
C SER B 2 -17.26 -15.23 -17.07
N ILE B 3 -18.52 -15.67 -16.91
CA ILE B 3 -19.14 -15.75 -15.60
C ILE B 3 -19.92 -17.07 -15.51
N THR B 4 -19.87 -17.68 -14.33
CA THR B 4 -20.52 -18.94 -14.05
C THR B 4 -21.24 -18.85 -12.71
N GLU B 5 -22.43 -19.45 -12.62
CA GLU B 5 -23.16 -19.47 -11.38
C GLU B 5 -22.72 -20.68 -10.57
N ASN B 6 -22.56 -20.47 -9.27
CA ASN B 6 -22.05 -21.43 -8.31
C ASN B 6 -22.95 -21.33 -7.08
N THR B 7 -24.04 -22.09 -7.10
CA THR B 7 -25.12 -21.92 -6.14
C THR B 7 -24.74 -22.46 -4.76
N SER B 8 -23.63 -23.21 -4.69
CA SER B 8 -23.13 -23.69 -3.42
C SER B 8 -22.80 -22.53 -2.47
N TRP B 9 -22.25 -21.43 -3.00
CA TRP B 9 -21.94 -20.30 -2.13
C TRP B 9 -23.20 -19.82 -1.41
N ASN B 10 -24.37 -20.36 -1.77
CA ASN B 10 -25.61 -19.91 -1.14
C ASN B 10 -25.68 -20.30 0.35
N LYS B 11 -24.95 -21.37 0.75
CA LYS B 11 -24.82 -21.79 2.14
C LYS B 11 -24.68 -20.61 3.09
N GLU B 12 -23.79 -19.66 2.74
CA GLU B 12 -23.48 -18.59 3.66
C GLU B 12 -24.62 -17.59 3.73
N PHE B 13 -25.33 -17.40 2.62
CA PHE B 13 -26.45 -16.46 2.62
C PHE B 13 -27.62 -17.06 3.39
N SER B 14 -27.97 -18.32 3.12
CA SER B 14 -29.13 -18.96 3.69
C SER B 14 -28.97 -19.12 5.21
N ALA B 15 -27.74 -19.38 5.66
CA ALA B 15 -27.42 -19.39 7.08
C ALA B 15 -27.78 -18.05 7.73
N GLU B 16 -27.31 -16.96 7.13
CA GLU B 16 -27.44 -15.64 7.74
C GLU B 16 -28.79 -14.99 7.39
N ALA B 17 -29.62 -15.71 6.63
CA ALA B 17 -30.87 -15.21 6.08
C ALA B 17 -30.66 -13.91 5.28
N VAL B 18 -29.68 -13.91 4.38
CA VAL B 18 -29.34 -12.71 3.63
C VAL B 18 -29.81 -12.85 2.19
N ASN B 19 -30.33 -11.77 1.62
CA ASN B 19 -30.43 -11.70 0.17
C ASN B 19 -29.25 -10.87 -0.35
N GLY B 20 -28.35 -11.47 -1.14
CA GLY B 20 -27.30 -10.62 -1.66
C GLY B 20 -26.54 -11.36 -2.76
N VAL B 21 -25.42 -10.78 -3.24
CA VAL B 21 -24.66 -11.43 -4.29
C VAL B 21 -23.17 -11.23 -4.02
N PHE B 22 -22.39 -12.25 -4.35
CA PHE B 22 -20.94 -12.09 -4.45
C PHE B 22 -20.49 -12.45 -5.87
N VAL B 23 -19.55 -11.65 -6.38
CA VAL B 23 -18.92 -11.86 -7.68
C VAL B 23 -17.41 -11.89 -7.43
N LEU B 24 -16.75 -12.96 -7.86
CA LEU B 24 -15.33 -13.12 -7.62
C LEU B 24 -14.66 -13.58 -8.91
N CYS B 25 -13.69 -12.78 -9.39
CA CYS B 25 -13.11 -13.01 -10.71
C CYS B 25 -11.62 -13.30 -10.59
N LYS B 26 -11.15 -14.32 -11.31
CA LYS B 26 -9.73 -14.66 -11.33
C LYS B 26 -9.15 -14.05 -12.60
N SER B 27 -8.19 -13.14 -12.43
CA SER B 27 -7.66 -12.30 -13.49
C SER B 27 -7.00 -13.12 -14.59
N SER B 28 -6.19 -14.11 -14.21
CA SER B 28 -5.38 -14.80 -15.21
C SER B 28 -6.24 -15.63 -16.17
N SER B 29 -7.32 -16.23 -15.66
CA SER B 29 -8.21 -17.07 -16.47
C SER B 29 -9.38 -16.25 -16.99
N LYS B 30 -9.47 -14.95 -16.64
CA LYS B 30 -10.52 -14.06 -17.10
C LYS B 30 -11.89 -14.63 -16.76
N SER B 31 -11.99 -15.35 -15.62
CA SER B 31 -13.18 -16.11 -15.27
C SER B 31 -13.79 -15.62 -13.95
N CYS B 32 -15.11 -15.36 -13.95
CA CYS B 32 -15.81 -14.95 -12.74
C CYS B 32 -16.76 -16.06 -12.25
N ALA B 33 -17.04 -16.05 -10.95
CA ALA B 33 -18.11 -16.86 -10.38
C ALA B 33 -19.03 -16.01 -9.50
N THR B 34 -20.30 -16.43 -9.39
CA THR B 34 -21.31 -15.72 -8.60
C THR B 34 -22.30 -16.74 -8.06
N ASN B 35 -22.89 -16.44 -6.88
CA ASN B 35 -23.96 -17.27 -6.38
C ASN B 35 -25.27 -16.99 -7.12
N ASP B 36 -25.40 -15.81 -7.77
CA ASP B 36 -26.69 -15.33 -8.29
C ASP B 36 -26.48 -14.44 -9.51
N LEU B 37 -26.60 -15.00 -10.74
CA LEU B 37 -26.35 -14.22 -11.96
C LEU B 37 -27.30 -13.03 -12.06
N ALA B 38 -28.58 -13.24 -11.67
CA ALA B 38 -29.54 -12.15 -11.83
C ALA B 38 -29.16 -10.96 -10.94
N ARG B 39 -28.99 -11.21 -9.64
CA ARG B 39 -28.61 -10.11 -8.75
C ARG B 39 -27.24 -9.52 -9.10
N ALA B 40 -26.36 -10.33 -9.67
CA ALA B 40 -25.05 -9.79 -10.07
C ALA B 40 -25.18 -8.66 -11.09
N SER B 41 -26.29 -8.64 -11.88
CA SER B 41 -26.57 -7.64 -12.90
C SER B 41 -27.53 -6.55 -12.43
N LYS B 42 -28.10 -6.68 -11.24
CA LYS B 42 -28.96 -5.60 -10.73
C LYS B 42 -28.12 -4.40 -10.29
N GLU B 43 -28.68 -3.18 -10.39
CA GLU B 43 -27.92 -1.95 -10.26
C GLU B 43 -28.46 -1.13 -9.08
N TYR B 44 -27.54 -0.68 -8.20
CA TYR B 44 -27.91 -0.07 -6.92
C TYR B 44 -27.11 1.22 -6.74
N LEU B 45 -27.59 2.15 -5.90
CA LEU B 45 -26.82 3.33 -5.52
C LEU B 45 -25.44 2.87 -5.05
N PRO B 46 -24.34 3.48 -5.54
CA PRO B 46 -22.99 3.08 -5.10
C PRO B 46 -22.65 3.53 -3.69
N ALA B 47 -23.31 4.62 -3.23
CA ALA B 47 -23.02 5.17 -1.91
C ALA B 47 -21.49 5.32 -1.81
N SER B 48 -20.89 4.94 -0.67
CA SER B 48 -19.51 5.33 -0.44
C SER B 48 -18.52 4.64 -1.39
N THR B 49 -18.96 3.64 -2.19
CA THR B 49 -18.05 3.02 -3.15
C THR B 49 -17.73 4.05 -4.23
N PHE B 50 -18.58 5.10 -4.35
CA PHE B 50 -18.37 6.19 -5.31
C PHE B 50 -17.10 6.98 -4.97
N ILE B 52 -14.28 5.98 -4.92
CA ILE B 52 -13.20 5.54 -5.79
C ILE B 52 -13.15 6.38 -7.04
N PRO B 53 -14.19 6.44 -7.91
CA PRO B 53 -14.10 7.30 -9.08
C PRO B 53 -13.97 8.76 -8.70
N ASN B 54 -14.61 9.18 -7.59
CA ASN B 54 -14.65 10.59 -7.22
C ASN B 54 -13.22 11.05 -6.87
N ALA B 55 -12.47 10.19 -6.17
CA ALA B 55 -11.07 10.50 -5.84
C ALA B 55 -10.24 10.62 -7.10
N ILE B 56 -10.48 9.72 -8.07
CA ILE B 56 -9.72 9.71 -9.31
C ILE B 56 -10.01 10.98 -10.09
N ILE B 57 -11.29 11.36 -10.18
CA ILE B 57 -11.68 12.54 -10.94
C ILE B 57 -11.21 13.81 -10.22
N GLY B 58 -11.28 13.80 -8.88
CA GLY B 58 -10.72 14.86 -8.05
C GLY B 58 -9.25 15.16 -8.41
N LEU B 59 -8.47 14.11 -8.63
CA LEU B 59 -7.05 14.26 -8.88
C LEU B 59 -6.86 14.67 -10.32
N GLU B 60 -7.61 14.00 -11.22
CA GLU B 60 -7.47 14.24 -12.65
C GLU B 60 -7.70 15.72 -12.93
N THR B 61 -8.65 16.31 -12.19
CA THR B 61 -9.10 17.66 -12.55
C THR B 61 -8.29 18.75 -11.82
N GLY B 62 -7.43 18.34 -10.88
CA GLY B 62 -6.67 19.33 -10.12
C GLY B 62 -7.39 19.76 -8.84
N VAL B 63 -8.62 19.26 -8.61
CA VAL B 63 -9.37 19.63 -7.42
C VAL B 63 -8.62 19.17 -6.18
N ILE B 64 -8.14 17.90 -6.22
CA ILE B 64 -7.24 17.32 -5.24
C ILE B 64 -5.82 17.50 -5.80
N LYS B 65 -4.96 18.13 -5.01
CA LYS B 65 -3.60 18.48 -5.49
C LYS B 65 -2.76 17.23 -5.69
N ASN B 66 -2.75 16.35 -4.69
CA ASN B 66 -1.97 15.08 -4.71
C ASN B 66 -2.28 14.27 -3.47
N GLU B 67 -1.58 13.16 -3.31
CA GLU B 67 -1.89 12.24 -2.19
C GLU B 67 -1.46 12.79 -0.85
N HIS B 68 -0.82 13.96 -0.77
CA HIS B 68 -0.40 14.50 0.52
C HIS B 68 -1.37 15.59 1.01
N GLN B 69 -2.38 15.91 0.20
CA GLN B 69 -3.36 16.92 0.60
C GLN B 69 -4.07 16.54 1.90
N VAL B 70 -4.24 17.52 2.79
CA VAL B 70 -4.90 17.26 4.05
C VAL B 70 -6.22 18.04 3.97
N PHE B 71 -7.30 17.36 4.30
CA PHE B 71 -8.60 18.01 4.29
C PHE B 71 -8.88 18.40 5.74
N LYS B 72 -8.87 19.71 6.03
CA LYS B 72 -8.95 20.18 7.41
C LYS B 72 -10.39 20.18 7.91
N TRP B 73 -10.62 19.82 9.18
CA TRP B 73 -11.95 19.91 9.75
C TRP B 73 -12.23 21.36 10.14
N ASP B 74 -13.39 21.89 9.72
CA ASP B 74 -13.72 23.30 10.00
C ASP B 74 -14.42 23.47 11.35
N GLY B 75 -14.53 22.38 12.11
CA GLY B 75 -15.11 22.44 13.44
C GLY B 75 -16.63 22.30 13.48
N LYS B 76 -17.30 22.23 12.32
CA LYS B 76 -18.74 22.04 12.30
C LYS B 76 -19.08 20.56 12.57
N PRO B 77 -20.14 20.25 13.36
CA PRO B 77 -20.50 18.87 13.67
C PRO B 77 -20.69 18.01 12.43
N ARG B 78 -20.21 16.76 12.50
CA ARG B 78 -20.33 15.83 11.38
C ARG B 78 -21.14 14.61 11.83
N ALA B 79 -21.71 13.86 10.87
CA ALA B 79 -22.60 12.74 11.17
C ALA B 79 -21.92 11.65 11.99
N MET B 80 -20.60 11.54 11.84
CA MET B 80 -19.85 10.57 12.62
C MET B 80 -18.71 11.30 13.34
N LYS B 81 -18.50 10.95 14.61
CA LYS B 81 -17.43 11.57 15.39
C LYS B 81 -16.07 11.31 14.73
N GLN B 82 -15.88 10.11 14.15
CA GLN B 82 -14.62 9.74 13.51
C GLN B 82 -14.30 10.65 12.31
N TRP B 83 -15.26 11.50 11.89
CA TRP B 83 -15.03 12.44 10.81
C TRP B 83 -14.59 13.81 11.33
N GLU B 84 -14.59 13.99 12.65
CA GLU B 84 -14.44 15.33 13.22
C GLU B 84 -12.97 15.62 13.51
N ARG B 85 -12.17 15.69 12.42
CA ARG B 85 -10.72 15.82 12.51
C ARG B 85 -10.16 15.98 11.10
N ASP B 86 -8.93 16.51 11.02
CA ASP B 86 -8.24 16.60 9.74
C ASP B 86 -8.01 15.18 9.21
N LEU B 87 -8.01 15.00 7.89
CA LEU B 87 -7.89 13.67 7.29
C LEU B 87 -6.95 13.76 6.11
N THR B 88 -6.12 12.71 5.84
CA THR B 88 -5.47 12.70 4.54
C THR B 88 -6.47 12.14 3.50
N LEU B 89 -6.06 12.12 2.22
CA LEU B 89 -6.86 11.50 1.18
C LEU B 89 -7.17 10.05 1.54
N ARG B 90 -6.14 9.23 1.86
CA ARG B 90 -6.39 7.87 2.27
C ARG B 90 -7.32 7.84 3.48
N GLY B 91 -7.03 8.69 4.47
CA GLY B 91 -7.87 8.69 5.67
C GLY B 91 -9.33 9.05 5.36
N ALA B 92 -9.58 10.03 4.48
CA ALA B 92 -10.95 10.44 4.12
C ALA B 92 -11.72 9.33 3.37
N ILE B 93 -11.02 8.56 2.52
CA ILE B 93 -11.58 7.37 1.87
C ILE B 93 -11.89 6.30 2.89
N GLN B 94 -10.90 5.94 3.74
CA GLN B 94 -11.00 4.80 4.61
C GLN B 94 -12.02 4.99 5.74
N VAL B 95 -12.22 6.23 6.21
CA VAL B 95 -13.25 6.39 7.22
C VAL B 95 -14.57 6.76 6.55
N SER B 96 -14.58 6.94 5.21
CA SER B 96 -15.77 7.26 4.44
C SER B 96 -16.34 8.65 4.77
N ALA B 97 -15.48 9.69 4.86
CA ALA B 97 -15.89 11.07 5.16
C ALA B 97 -16.66 11.76 4.04
N VAL B 98 -17.99 11.55 4.02
CA VAL B 98 -18.85 12.02 2.95
C VAL B 98 -18.69 13.52 2.71
N PRO B 99 -18.66 14.37 3.78
CA PRO B 99 -18.58 15.81 3.58
C PRO B 99 -17.35 16.25 2.80
N VAL B 100 -16.26 15.50 2.97
CA VAL B 100 -15.05 15.79 2.21
C VAL B 100 -15.31 15.58 0.72
N PHE B 101 -15.93 14.45 0.39
CA PHE B 101 -16.18 14.10 -1.00
C PHE B 101 -17.33 14.89 -1.65
N GLN B 102 -18.30 15.38 -0.86
CA GLN B 102 -19.28 16.32 -1.42
C GLN B 102 -18.62 17.60 -1.91
N GLN B 103 -17.65 18.10 -1.13
CA GLN B 103 -16.91 19.31 -1.47
C GLN B 103 -16.10 19.07 -2.75
N ILE B 104 -15.45 17.88 -2.85
CA ILE B 104 -14.75 17.55 -4.08
C ILE B 104 -15.71 17.58 -5.28
N ALA B 105 -16.87 16.93 -5.14
CA ALA B 105 -17.82 16.83 -6.25
C ALA B 105 -18.29 18.24 -6.70
N ARG B 106 -18.53 19.12 -5.72
CA ARG B 106 -18.91 20.49 -6.06
C ARG B 106 -17.87 21.15 -6.93
N GLU B 107 -16.59 21.02 -6.55
CA GLU B 107 -15.56 21.70 -7.30
C GLU B 107 -15.34 21.00 -8.63
N VAL B 108 -15.61 19.69 -8.69
CA VAL B 108 -15.44 19.02 -9.97
C VAL B 108 -16.47 19.60 -10.95
N GLY B 109 -17.70 19.73 -10.48
CA GLY B 109 -18.75 20.27 -11.35
C GLY B 109 -19.36 19.23 -12.31
N GLU B 110 -20.59 19.54 -12.76
CA GLU B 110 -21.46 18.64 -13.51
C GLU B 110 -20.87 18.25 -14.85
N VAL B 111 -20.33 19.20 -15.59
CA VAL B 111 -19.81 18.90 -16.92
C VAL B 111 -18.68 17.88 -16.80
N ARG B 112 -17.73 18.13 -15.87
CA ARG B 112 -16.55 17.28 -15.76
C ARG B 112 -16.92 15.91 -15.20
N MET B 113 -17.78 15.87 -14.18
CA MET B 113 -18.20 14.63 -13.56
C MET B 113 -18.85 13.71 -14.61
N GLN B 114 -19.75 14.27 -15.43
CA GLN B 114 -20.39 13.52 -16.50
C GLN B 114 -19.36 12.93 -17.46
N LYS B 115 -18.44 13.78 -17.93
CA LYS B 115 -17.41 13.41 -18.88
C LYS B 115 -16.64 12.20 -18.34
N TYR B 116 -16.29 12.21 -17.04
CA TYR B 116 -15.50 11.12 -16.48
C TYR B 116 -16.31 9.84 -16.30
N LEU B 117 -17.57 9.95 -15.84
CA LEU B 117 -18.34 8.74 -15.59
C LEU B 117 -18.65 8.02 -16.90
N LYS B 118 -18.77 8.79 -18.00
CA LYS B 118 -18.92 8.24 -19.33
C LYS B 118 -17.61 7.56 -19.77
N LYS B 119 -16.46 8.19 -19.51
CA LYS B 119 -15.20 7.57 -19.90
C LYS B 119 -14.98 6.28 -19.12
N PHE B 120 -15.40 6.26 -17.86
CA PHE B 120 -15.13 5.13 -16.98
C PHE B 120 -16.19 4.05 -17.14
N SER B 121 -17.22 4.29 -17.96
CA SER B 121 -18.31 3.33 -18.11
C SER B 121 -18.90 2.98 -16.75
N TYR B 122 -19.21 3.99 -15.96
CA TYR B 122 -19.51 3.69 -14.57
C TYR B 122 -21.03 3.60 -14.38
N GLY B 123 -21.54 2.36 -14.23
CA GLY B 123 -22.98 2.16 -14.03
C GLY B 123 -23.83 2.87 -15.10
N ASN B 124 -24.96 3.45 -14.70
CA ASN B 124 -25.87 4.06 -15.66
C ASN B 124 -25.42 5.46 -16.06
N GLN B 125 -24.36 6.00 -15.42
CA GLN B 125 -23.75 7.27 -15.78
C GLN B 125 -24.71 8.44 -15.55
N ASN B 126 -25.69 8.25 -14.67
CA ASN B 126 -26.73 9.24 -14.43
C ASN B 126 -26.41 10.04 -13.17
N ILE B 127 -26.04 11.32 -13.34
CA ILE B 127 -25.66 12.15 -12.20
C ILE B 127 -26.75 13.16 -11.83
N SER B 128 -28.02 12.90 -12.18
CA SER B 128 -29.13 13.73 -11.71
C SER B 128 -29.35 13.51 -10.23
N GLY B 129 -29.89 14.53 -9.56
CA GLY B 129 -30.15 14.50 -8.13
C GLY B 129 -29.29 15.53 -7.37
N GLY B 130 -28.45 16.29 -8.09
CA GLY B 130 -27.68 17.34 -7.44
C GLY B 130 -26.21 16.94 -7.26
N ILE B 131 -25.29 17.84 -7.63
CA ILE B 131 -23.92 17.49 -7.95
C ILE B 131 -23.18 16.92 -6.74
N ASP B 132 -23.74 17.11 -5.53
CA ASP B 132 -23.12 16.68 -4.29
C ASP B 132 -23.92 15.60 -3.59
N LYS B 133 -24.95 15.02 -4.24
CA LYS B 133 -25.66 13.91 -3.60
C LYS B 133 -26.12 12.83 -4.60
N PHE B 134 -25.79 12.93 -5.89
CA PHE B 134 -26.36 11.99 -6.87
C PHE B 134 -25.99 10.54 -6.59
N TRP B 135 -24.84 10.29 -5.91
CA TRP B 135 -24.42 8.91 -5.66
C TRP B 135 -25.01 8.39 -4.36
N LEU B 136 -25.73 9.22 -3.59
CA LEU B 136 -26.22 8.83 -2.27
C LEU B 136 -27.76 8.79 -2.24
N GLU B 137 -28.40 9.67 -3.01
CA GLU B 137 -29.87 9.63 -3.03
C GLU B 137 -30.42 10.00 -4.40
N GLY B 138 -29.54 10.18 -5.41
CA GLY B 138 -29.93 10.54 -6.76
C GLY B 138 -30.15 9.32 -7.66
N GLN B 139 -29.86 9.46 -8.96
CA GLN B 139 -30.31 8.48 -9.94
CA GLN B 139 -30.29 8.50 -9.97
C GLN B 139 -29.19 7.50 -10.31
N LEU B 140 -27.98 7.71 -9.77
CA LEU B 140 -26.86 6.84 -10.17
C LEU B 140 -27.03 5.41 -9.63
N ARG B 141 -26.74 4.40 -10.49
CA ARG B 141 -26.91 3.01 -10.14
C ARG B 141 -25.78 2.21 -10.81
N ILE B 142 -25.29 1.17 -10.12
CA ILE B 142 -24.23 0.29 -10.65
C ILE B 142 -24.39 -1.11 -10.12
N SER B 143 -24.00 -2.12 -10.95
CA SER B 143 -24.12 -3.52 -10.55
C SER B 143 -22.79 -4.07 -10.02
N ALA B 144 -22.85 -5.23 -9.37
CA ALA B 144 -21.66 -5.92 -8.91
C ALA B 144 -20.73 -6.25 -10.08
N VAL B 145 -21.30 -6.64 -11.23
CA VAL B 145 -20.45 -7.00 -12.36
C VAL B 145 -19.72 -5.76 -12.83
N ASN B 146 -20.45 -4.65 -12.89
CA ASN B 146 -19.88 -3.36 -13.33
C ASN B 146 -18.74 -2.92 -12.40
N GLN B 147 -18.91 -3.18 -11.10
CA GLN B 147 -17.91 -2.74 -10.12
C GLN B 147 -16.61 -3.52 -10.39
N VAL B 148 -16.72 -4.83 -10.60
CA VAL B 148 -15.49 -5.60 -10.86
C VAL B 148 -14.83 -5.19 -12.17
N GLU B 149 -15.61 -4.88 -13.22
CA GLU B 149 -15.04 -4.38 -14.47
C GLU B 149 -14.25 -3.10 -14.22
N PHE B 150 -14.86 -2.17 -13.46
CA PHE B 150 -14.27 -0.88 -13.15
C PHE B 150 -12.95 -1.03 -12.36
N LEU B 151 -12.97 -1.92 -11.37
CA LEU B 151 -11.82 -2.18 -10.49
C LEU B 151 -10.68 -2.85 -11.25
N GLU B 152 -11.03 -3.73 -12.20
CA GLU B 152 -10.01 -4.35 -13.03
C GLU B 152 -9.34 -3.28 -13.90
N SER B 153 -10.14 -2.36 -14.46
CA SER B 153 -9.57 -1.29 -15.27
C SER B 153 -8.62 -0.42 -14.43
N LEU B 154 -9.03 -0.07 -13.20
CA LEU B 154 -8.17 0.70 -12.29
C LEU B 154 -6.85 -0.05 -12.07
N TYR B 155 -6.95 -1.34 -11.69
CA TYR B 155 -5.79 -2.17 -11.43
C TYR B 155 -4.79 -2.08 -12.59
N LEU B 156 -5.31 -2.18 -13.82
CA LEU B 156 -4.47 -2.22 -15.01
C LEU B 156 -4.10 -0.82 -15.53
N ASN B 157 -4.48 0.25 -14.82
CA ASN B 157 -4.25 1.64 -15.27
C ASN B 157 -4.91 1.94 -16.62
N LYS B 158 -6.03 1.26 -16.92
CA LYS B 158 -6.65 1.45 -18.22
C LYS B 158 -7.77 2.48 -18.14
N LEU B 159 -8.09 3.00 -16.94
CA LEU B 159 -9.00 4.14 -16.89
C LEU B 159 -8.44 5.36 -17.63
N SER B 160 -9.35 6.22 -18.10
CA SER B 160 -8.98 7.47 -18.76
C SER B 160 -8.52 8.49 -17.73
N ALA B 161 -7.32 8.29 -17.18
CA ALA B 161 -6.75 9.15 -16.15
C ALA B 161 -5.26 8.81 -16.11
N SER B 162 -4.42 9.62 -15.46
CA SER B 162 -3.00 9.35 -15.53
C SER B 162 -2.70 8.11 -14.70
N LYS B 163 -1.58 7.43 -15.03
CA LYS B 163 -1.13 6.30 -14.24
CA LYS B 163 -1.13 6.30 -14.25
C LYS B 163 -0.88 6.76 -12.82
N GLU B 164 -0.22 7.90 -12.68
CA GLU B 164 0.06 8.52 -11.40
C GLU B 164 -1.23 8.63 -10.56
N ASN B 165 -2.34 9.16 -11.11
CA ASN B 165 -3.54 9.32 -10.29
C ASN B 165 -4.20 7.98 -9.95
N GLN B 166 -4.17 7.03 -10.89
CA GLN B 166 -4.70 5.70 -10.61
C GLN B 166 -3.91 5.04 -9.46
N LEU B 167 -2.57 5.17 -9.49
CA LEU B 167 -1.73 4.60 -8.44
C LEU B 167 -1.97 5.22 -7.05
N ILE B 168 -2.18 6.53 -7.02
CA ILE B 168 -2.45 7.23 -5.78
C ILE B 168 -3.69 6.61 -5.13
N VAL B 169 -4.72 6.38 -5.95
CA VAL B 169 -5.97 5.86 -5.42
C VAL B 169 -5.84 4.40 -5.04
N LYS B 170 -5.10 3.64 -5.85
CA LYS B 170 -4.76 2.29 -5.46
C LYS B 170 -4.12 2.20 -4.06
N GLU B 171 -3.08 3.01 -3.73
CA GLU B 171 -2.53 2.86 -2.39
C GLU B 171 -3.51 3.31 -1.30
N ALA B 172 -4.34 4.29 -1.62
CA ALA B 172 -5.31 4.74 -0.63
C ALA B 172 -6.31 3.64 -0.28
N LEU B 173 -6.54 2.70 -1.24
CA LEU B 173 -7.46 1.60 -1.01
C LEU B 173 -6.89 0.39 -0.27
N VAL B 174 -5.58 0.38 0.07
CA VAL B 174 -5.07 -0.79 0.76
CA VAL B 174 -5.04 -0.77 0.77
C VAL B 174 -5.76 -0.88 2.11
N THR B 175 -6.28 -2.07 2.41
CA THR B 175 -6.92 -2.25 3.70
C THR B 175 -6.35 -3.41 4.48
N GLU B 176 -5.60 -4.31 3.83
CA GLU B 176 -4.98 -5.36 4.65
C GLU B 176 -3.68 -5.82 4.00
N ALA B 177 -2.59 -5.84 4.78
CA ALA B 177 -1.32 -6.32 4.29
C ALA B 177 -0.91 -7.57 5.06
N ALA B 178 -0.75 -8.69 4.37
CA ALA B 178 -0.22 -9.90 4.99
C ALA B 178 1.01 -10.36 4.22
N PRO B 179 1.83 -11.28 4.78
CA PRO B 179 3.00 -11.82 4.07
C PRO B 179 2.63 -12.36 2.69
N GLU B 180 1.49 -13.04 2.58
CA GLU B 180 1.15 -13.77 1.38
C GLU B 180 0.22 -12.98 0.46
N TYR B 181 -0.34 -11.85 0.91
CA TYR B 181 -1.36 -11.21 0.09
C TYR B 181 -1.59 -9.74 0.48
N LEU B 182 -2.19 -8.98 -0.43
CA LEU B 182 -2.52 -7.59 -0.18
C LEU B 182 -3.96 -7.38 -0.61
N VAL B 183 -4.78 -6.75 0.23
CA VAL B 183 -6.21 -6.54 -0.05
C VAL B 183 -6.39 -5.03 -0.24
N HIS B 184 -7.05 -4.66 -1.33
CA HIS B 184 -7.51 -3.29 -1.54
C HIS B 184 -9.03 -3.37 -1.50
N SER B 185 -9.71 -2.44 -0.77
CA SER B 185 -11.16 -2.61 -0.69
C SER B 185 -11.88 -1.34 -0.22
N LYS B 186 -13.22 -1.34 -0.39
CA LYS B 186 -13.98 -0.17 0.03
C LYS B 186 -15.38 -0.64 0.39
N THR B 187 -15.90 -0.19 1.54
CA THR B 187 -17.27 -0.50 1.93
C THR B 187 -18.23 0.62 1.49
N GLY B 188 -19.53 0.30 1.48
CA GLY B 188 -20.58 1.28 1.24
C GLY B 188 -21.84 0.86 1.99
N TYR B 189 -22.67 1.85 2.34
CA TYR B 189 -23.96 1.52 2.93
C TYR B 189 -24.98 2.55 2.43
N SER B 190 -25.95 2.10 1.64
CA SER B 190 -26.89 3.04 1.02
C SER B 190 -28.18 3.02 1.84
N THR B 191 -28.54 4.17 2.44
CA THR B 191 -29.62 4.18 3.42
C THR B 191 -30.77 5.10 3.02
N ARG B 192 -30.59 5.92 1.96
CA ARG B 192 -31.51 7.00 1.60
C ARG B 192 -32.54 6.54 0.56
N ILE B 193 -32.47 5.27 0.13
CA ILE B 193 -33.47 4.66 -0.74
C ILE B 193 -33.58 3.19 -0.30
N GLU B 194 -34.81 2.66 -0.29
CA GLU B 194 -35.14 1.38 0.32
C GLU B 194 -35.27 0.31 -0.75
N PRO B 195 -35.03 -1.00 -0.45
CA PRO B 195 -34.30 -1.43 0.75
C PRO B 195 -32.82 -1.01 0.77
N LYS B 196 -32.28 -0.98 1.99
CA LYS B 196 -30.93 -0.48 2.19
C LYS B 196 -29.96 -1.51 1.60
N ILE B 197 -28.89 -1.00 0.96
CA ILE B 197 -27.88 -1.85 0.36
C ILE B 197 -26.53 -1.66 1.09
N GLY B 198 -25.90 -2.79 1.42
CA GLY B 198 -24.51 -2.79 1.88
C GLY B 198 -23.57 -3.32 0.78
N TRP B 199 -22.44 -2.62 0.55
CA TRP B 199 -21.44 -3.00 -0.44
C TRP B 199 -20.09 -3.34 0.22
N TRP B 200 -19.34 -4.27 -0.40
CA TRP B 200 -17.90 -4.33 -0.19
C TRP B 200 -17.29 -4.73 -1.52
N VAL B 201 -16.36 -3.93 -2.01
CA VAL B 201 -15.79 -4.21 -3.32
C VAL B 201 -14.27 -4.10 -3.16
N GLY B 202 -13.52 -4.74 -4.08
CA GLY B 202 -12.08 -4.54 -4.01
C GLY B 202 -11.36 -5.63 -4.82
N TRP B 203 -10.13 -5.94 -4.38
CA TRP B 203 -9.36 -7.00 -5.02
C TRP B 203 -8.28 -7.50 -4.07
N VAL B 204 -7.83 -8.74 -4.31
CA VAL B 204 -6.81 -9.39 -3.52
C VAL B 204 -5.68 -9.80 -4.45
N GLU B 205 -4.43 -9.44 -4.09
CA GLU B 205 -3.27 -9.93 -4.83
CA GLU B 205 -3.25 -9.88 -4.81
C GLU B 205 -2.60 -11.00 -4.00
N LYS B 206 -2.42 -12.18 -4.60
CA LYS B 206 -1.88 -13.32 -3.86
C LYS B 206 -1.01 -14.11 -4.82
N GLU B 207 0.25 -14.45 -4.44
CA GLU B 207 1.19 -15.05 -5.37
C GLU B 207 1.31 -14.12 -6.58
N THR B 208 1.09 -14.68 -7.78
CA THR B 208 1.08 -13.85 -8.98
C THR B 208 -0.35 -13.75 -9.53
N GLU B 209 -1.36 -14.13 -8.73
CA GLU B 209 -2.77 -14.05 -9.17
C GLU B 209 -3.38 -12.76 -8.61
N VAL B 210 -4.48 -12.29 -9.23
CA VAL B 210 -5.26 -11.18 -8.70
C VAL B 210 -6.73 -11.56 -8.80
N TYR B 211 -7.49 -11.31 -7.73
CA TYR B 211 -8.90 -11.70 -7.68
C TYR B 211 -9.69 -10.44 -7.42
N PHE B 212 -10.59 -10.10 -8.35
CA PHE B 212 -11.46 -8.95 -8.17
C PHE B 212 -12.77 -9.43 -7.55
N PHE B 213 -13.35 -8.57 -6.67
CA PHE B 213 -14.56 -8.96 -5.96
C PHE B 213 -15.55 -7.79 -5.82
N ALA B 214 -16.84 -8.17 -5.80
CA ALA B 214 -17.90 -7.22 -5.48
C ALA B 214 -19.03 -7.95 -4.77
N PHE B 215 -19.45 -7.37 -3.65
CA PHE B 215 -20.46 -8.00 -2.81
C PHE B 215 -21.52 -6.94 -2.51
N ASN B 216 -22.80 -7.32 -2.57
CA ASN B 216 -23.82 -6.43 -2.03
C ASN B 216 -24.93 -7.25 -1.40
N MET B 217 -25.73 -6.60 -0.53
CA MET B 217 -26.78 -7.29 0.21
C MET B 217 -27.80 -6.28 0.71
N ASP B 218 -29.05 -6.74 0.86
CA ASP B 218 -30.08 -5.97 1.56
C ASP B 218 -29.70 -5.87 3.04
N ILE B 219 -29.66 -4.65 3.58
CA ILE B 219 -29.39 -4.43 5.00
C ILE B 219 -30.70 -4.09 5.71
N ASP B 220 -31.12 -5.01 6.59
CA ASP B 220 -32.38 -4.88 7.32
C ASP B 220 -32.24 -3.92 8.50
N ASN B 221 -31.04 -3.88 9.10
CA ASN B 221 -30.73 -2.92 10.16
C ASN B 221 -29.22 -2.91 10.43
N GLU B 222 -28.76 -1.83 11.08
CA GLU B 222 -27.37 -1.53 11.35
C GLU B 222 -26.58 -2.75 11.85
N SER B 223 -27.26 -3.66 12.57
CA SER B 223 -26.60 -4.79 13.18
C SER B 223 -26.13 -5.82 12.14
N LYS B 224 -26.60 -5.71 10.90
CA LYS B 224 -26.27 -6.67 9.85
C LYS B 224 -25.02 -6.22 9.09
N LEU B 225 -24.62 -4.97 9.31
CA LEU B 225 -23.62 -4.31 8.49
C LEU B 225 -22.29 -5.08 8.43
N PRO B 226 -21.81 -5.75 9.51
CA PRO B 226 -20.59 -6.55 9.41
C PRO B 226 -20.65 -7.69 8.38
N LEU B 227 -21.86 -8.20 8.10
CA LEU B 227 -22.00 -9.29 7.14
C LEU B 227 -21.48 -8.89 5.76
N ARG B 228 -21.47 -7.58 5.45
CA ARG B 228 -20.90 -7.07 4.21
C ARG B 228 -19.46 -7.55 4.00
N LYS B 229 -18.72 -7.75 5.10
CA LYS B 229 -17.34 -8.18 5.00
C LYS B 229 -17.27 -9.67 5.32
N SER B 230 -18.07 -10.15 6.28
CA SER B 230 -17.85 -11.48 6.82
C SER B 230 -18.30 -12.58 5.86
N ILE B 231 -19.41 -12.35 5.13
CA ILE B 231 -19.82 -13.38 4.17
C ILE B 231 -18.78 -13.50 3.05
N PRO B 232 -18.40 -12.41 2.34
CA PRO B 232 -17.36 -12.52 1.32
C PRO B 232 -15.99 -13.04 1.80
N THR B 233 -15.57 -12.67 3.02
CA THR B 233 -14.36 -13.24 3.62
C THR B 233 -14.46 -14.76 3.78
N LYS B 234 -15.57 -15.24 4.36
CA LYS B 234 -15.81 -16.68 4.50
C LYS B 234 -15.72 -17.41 3.15
N ILE B 235 -16.31 -16.84 2.08
CA ILE B 235 -16.22 -17.48 0.76
C ILE B 235 -14.77 -17.46 0.29
N MET B 236 -14.09 -16.33 0.44
CA MET B 236 -12.73 -16.24 -0.07
C MET B 236 -11.78 -17.13 0.74
N GLU B 237 -12.11 -17.37 2.03
CA GLU B 237 -11.40 -18.35 2.87
C GLU B 237 -11.65 -19.76 2.36
N SER B 238 -12.90 -20.09 2.04
CA SER B 238 -13.24 -21.39 1.45
C SER B 238 -12.47 -21.62 0.15
N GLU B 239 -12.25 -20.56 -0.62
CA GLU B 239 -11.62 -20.66 -1.93
C GLU B 239 -10.10 -20.70 -1.82
N GLY B 240 -9.59 -20.64 -0.58
CA GLY B 240 -8.16 -20.73 -0.30
C GLY B 240 -7.41 -19.44 -0.65
N ILE B 241 -8.14 -18.32 -0.75
CA ILE B 241 -7.56 -17.07 -1.23
C ILE B 241 -7.01 -16.24 -0.07
N ILE B 242 -7.81 -16.04 1.00
CA ILE B 242 -7.29 -15.25 2.11
C ILE B 242 -7.24 -16.08 3.40
#